data_3IX6
#
_entry.id   3IX6
#
_cell.length_a   154.600
_cell.length_b   62.190
_cell.length_c   85.960
_cell.angle_alpha   90.000
_cell.angle_beta   108.880
_cell.angle_gamma   90.000
#
_symmetry.space_group_name_H-M   'C 1 2 1'
#
loop_
_entity.id
_entity.type
_entity.pdbx_description
1 polymer 'Thymidylate synthase'
2 water water
#
_entity_poly.entity_id   1
_entity_poly.type   'polypeptide(L)'
_entity_poly.pdbx_seq_one_letter_code
;MGHHHHHHSGEVKPEVKPETHINLKVSDGSSEIFFKIKKTTPLRRLMEAFAKRQGKEMDSLRFLYDGIRIQADQTPEDLD
MEDNDIIEAHREQIGGMRTYLDLLQHVLDHGVDRDDRTGTGTRSVFGYQMRFDLEEGFPVLTTKKLHLRSIIHELLWFLK
GDTNIAYLKENGVTIWDEWADENGDLGPVYGYQWRSWPAPDGRHIDQIANLLKMLHTNPQSRRLIVSAWNPALVDEMALP
PCHCLFQFYVANGRLSCQLYQRSADIFLGVPFNIASYALLTMMIAQVTGLKPGEFIHTLGDAHIYSNHFEQARLQLTRTP
KKLPVMHINPDVKDLFAFRFEDFRLDGYEADPTIKAPIAV
;
_entity_poly.pdbx_strand_id   A,B
#
# COMPACT_ATOMS: atom_id res chain seq x y z
N MET A 97 -3.16 11.89 -18.70
CA MET A 97 -1.93 11.10 -19.00
C MET A 97 -0.61 11.84 -18.79
N ARG A 98 -0.67 13.16 -18.60
CA ARG A 98 0.50 13.94 -18.20
C ARG A 98 1.12 13.32 -16.96
N THR A 99 0.26 12.88 -16.06
CA THR A 99 0.63 12.27 -14.81
C THR A 99 1.47 11.03 -15.04
N TYR A 100 1.09 10.25 -16.04
CA TYR A 100 1.88 9.09 -16.42
C TYR A 100 3.24 9.47 -17.04
N LEU A 101 3.25 10.41 -17.98
CA LEU A 101 4.49 10.89 -18.59
C LEU A 101 5.44 11.46 -17.55
N ASP A 102 4.89 12.14 -16.53
CA ASP A 102 5.67 12.69 -15.43
C ASP A 102 6.38 11.56 -14.70
N LEU A 103 5.68 10.43 -14.57
CA LEU A 103 6.28 9.23 -13.99
C LEU A 103 7.49 8.79 -14.79
N LEU A 104 7.33 8.62 -16.11
CA LEU A 104 8.47 8.18 -16.95
C LEU A 104 9.63 9.16 -16.83
N GLN A 105 9.28 10.43 -16.88
CA GLN A 105 10.30 11.49 -16.80
C GLN A 105 11.05 11.50 -15.48
N HIS A 106 10.31 11.38 -14.37
CA HIS A 106 10.90 11.34 -13.04
C HIS A 106 11.85 10.16 -12.85
N VAL A 107 11.44 8.97 -13.27
CA VAL A 107 12.29 7.80 -13.10
C VAL A 107 13.51 7.91 -14.03
N LEU A 108 13.27 8.26 -15.29
CA LEU A 108 14.37 8.44 -16.24
C LEU A 108 15.42 9.44 -15.76
N ASP A 109 14.97 10.54 -15.16
CA ASP A 109 15.89 11.61 -14.72
C ASP A 109 16.45 11.41 -13.32
N HIS A 110 15.69 10.76 -12.43
CA HIS A 110 16.09 10.68 -11.05
C HIS A 110 16.21 9.27 -10.47
N GLY A 111 15.85 8.28 -11.28
CA GLY A 111 15.96 6.90 -10.85
C GLY A 111 17.40 6.46 -10.75
N VAL A 112 17.60 5.38 -10.00
CA VAL A 112 18.91 4.79 -9.78
C VAL A 112 19.04 3.53 -10.64
N ASP A 113 20.21 3.40 -11.26
CA ASP A 113 20.51 2.26 -12.10
C ASP A 113 21.00 1.10 -11.27
N ARG A 114 20.30 -0.01 -11.35
CA ARG A 114 20.74 -1.24 -10.73
C ARG A 114 20.64 -2.36 -11.75
N ASP A 115 21.67 -3.21 -11.76
CA ASP A 115 21.67 -4.36 -12.67
C ASP A 115 21.16 -5.60 -11.97
N ASP A 116 20.30 -6.36 -12.65
CA ASP A 116 19.73 -7.61 -12.12
C ASP A 116 20.42 -8.84 -12.71
N GLY A 121 19.32 -4.69 -16.64
CA GLY A 121 19.36 -3.44 -15.90
C GLY A 121 18.06 -2.62 -15.93
N THR A 122 17.70 -2.06 -14.76
CA THR A 122 16.63 -1.08 -14.66
C THR A 122 17.13 0.20 -14.04
N ARG A 123 16.37 1.27 -14.30
CA ARG A 123 16.46 2.51 -13.56
C ARG A 123 15.17 2.61 -12.69
N SER A 124 15.33 2.95 -11.43
CA SER A 124 14.19 2.87 -10.53
C SER A 124 14.16 3.96 -9.49
N VAL A 125 12.94 4.27 -9.07
CA VAL A 125 12.67 4.97 -7.85
C VAL A 125 11.79 4.08 -6.97
N PHE A 126 11.81 4.35 -5.67
CA PHE A 126 10.95 3.68 -4.74
C PHE A 126 9.90 4.64 -4.20
N GLY A 127 8.64 4.31 -4.39
CA GLY A 127 7.56 5.13 -3.89
C GLY A 127 7.22 6.23 -4.88
N TYR A 128 6.01 6.12 -5.41
CA TYR A 128 5.50 7.06 -6.40
C TYR A 128 4.00 6.99 -6.29
N GLN A 129 3.32 8.08 -6.65
CA GLN A 129 1.86 8.06 -6.58
C GLN A 129 1.25 8.93 -7.66
N MET A 130 0.31 8.36 -8.40
CA MET A 130 -0.36 9.06 -9.49
C MET A 130 -1.85 9.03 -9.21
N ARG A 131 -2.53 10.11 -9.56
CA ARG A 131 -3.98 10.21 -9.46
C ARG A 131 -4.55 10.33 -10.88
N PHE A 132 -5.67 9.66 -11.12
CA PHE A 132 -6.41 9.77 -12.37
C PHE A 132 -7.84 9.98 -12.01
N ASP A 133 -8.40 11.10 -12.44
CA ASP A 133 -9.82 11.38 -12.29
C ASP A 133 -10.57 10.61 -13.38
N LEU A 134 -11.31 9.58 -13.00
CA LEU A 134 -11.97 8.71 -13.99
C LEU A 134 -13.17 9.37 -14.71
N GLU A 135 -13.66 10.49 -14.18
CA GLU A 135 -14.68 11.24 -14.90
C GLU A 135 -14.10 12.05 -16.08
N GLU A 136 -12.78 12.21 -16.13
CA GLU A 136 -12.17 12.91 -17.26
C GLU A 136 -12.05 12.02 -18.51
N GLY A 137 -12.25 10.73 -18.35
CA GLY A 137 -12.12 9.79 -19.44
C GLY A 137 -11.33 8.62 -18.90
N PHE A 138 -11.26 7.57 -19.70
CA PHE A 138 -10.57 6.36 -19.34
C PHE A 138 -9.06 6.57 -19.47
N PRO A 139 -8.30 6.31 -18.38
CA PRO A 139 -6.89 6.70 -18.39
C PRO A 139 -6.07 5.70 -19.20
N VAL A 140 -6.13 5.82 -20.52
CA VAL A 140 -5.32 5.00 -21.40
C VAL A 140 -4.24 5.85 -21.99
N LEU A 141 -3.02 5.50 -21.58
CA LEU A 141 -1.92 6.42 -21.55
C LEU A 141 -0.74 5.73 -22.25
N LYS A 145 -1.01 3.31 -29.05
CA LYS A 145 -2.11 2.34 -29.00
C LYS A 145 -1.77 1.21 -28.04
N LEU A 146 -2.77 0.80 -27.26
CA LEU A 146 -2.65 -0.29 -26.30
C LEU A 146 -3.90 -1.14 -26.39
N HIS A 147 -3.72 -2.46 -26.34
CA HIS A 147 -4.82 -3.38 -26.57
C HIS A 147 -5.55 -3.76 -25.28
N LEU A 148 -6.75 -3.21 -25.14
CA LEU A 148 -7.54 -3.35 -23.95
C LEU A 148 -8.19 -4.71 -23.76
N ARG A 149 -8.38 -5.46 -24.86
CA ARG A 149 -9.14 -6.70 -24.78
C ARG A 149 -8.57 -7.66 -23.73
N SER A 150 -7.25 -7.72 -23.64
CA SER A 150 -6.61 -8.64 -22.69
C SER A 150 -6.86 -8.17 -21.27
N ILE A 151 -6.79 -6.86 -21.07
CA ILE A 151 -7.10 -6.21 -19.79
C ILE A 151 -8.52 -6.55 -19.36
N ILE A 152 -9.45 -6.43 -20.29
CA ILE A 152 -10.86 -6.67 -19.98
C ILE A 152 -11.10 -8.14 -19.66
N HIS A 153 -10.68 -9.03 -20.56
CA HIS A 153 -10.83 -10.46 -20.33
C HIS A 153 -10.17 -10.90 -19.04
N GLU A 154 -8.93 -10.47 -18.82
CA GLU A 154 -8.22 -10.80 -17.59
C GLU A 154 -8.98 -10.38 -16.34
N LEU A 155 -9.48 -9.14 -16.33
CA LEU A 155 -10.26 -8.62 -15.18
C LEU A 155 -11.50 -9.46 -14.94
N LEU A 156 -12.27 -9.69 -16.00
CA LEU A 156 -13.48 -10.53 -15.90
C LEU A 156 -13.11 -11.90 -15.37
N TRP A 157 -11.98 -12.41 -15.83
CA TRP A 157 -11.45 -13.67 -15.34
C TRP A 157 -11.07 -13.61 -13.85
N PHE A 158 -10.39 -12.55 -13.43
CA PHE A 158 -10.13 -12.34 -11.99
C PHE A 158 -11.45 -12.41 -11.24
N LEU A 159 -12.47 -11.71 -11.74
CA LEU A 159 -13.74 -11.60 -11.04
C LEU A 159 -14.46 -12.93 -10.86
N LYS A 160 -14.17 -13.92 -11.72
CA LYS A 160 -14.80 -15.24 -11.66
C LYS A 160 -14.19 -16.12 -10.58
N GLY A 161 -12.96 -15.79 -10.16
CA GLY A 161 -12.27 -16.49 -9.08
C GLY A 161 -11.56 -17.79 -9.46
N ASP A 162 -11.74 -18.26 -10.68
CA ASP A 162 -11.09 -19.52 -11.08
C ASP A 162 -9.61 -19.33 -11.43
N THR A 163 -8.80 -20.29 -11.04
CA THR A 163 -7.36 -20.25 -11.30
C THR A 163 -7.00 -20.97 -12.61
N ASN A 164 -8.00 -21.62 -13.22
CA ASN A 164 -7.77 -22.24 -14.52
C ASN A 164 -7.79 -21.21 -15.64
N ILE A 165 -6.82 -21.34 -16.52
CA ILE A 165 -6.63 -20.43 -17.63
C ILE A 165 -7.67 -20.60 -18.77
N ALA A 166 -8.56 -21.59 -18.65
CA ALA A 166 -9.49 -21.94 -19.75
C ALA A 166 -10.25 -20.77 -20.38
N TYR A 167 -10.80 -19.88 -19.56
CA TYR A 167 -11.52 -18.69 -20.07
C TYR A 167 -10.62 -17.83 -20.94
N LEU A 168 -9.38 -17.62 -20.50
CA LEU A 168 -8.40 -16.85 -21.26
C LEU A 168 -7.99 -17.53 -22.58
N LYS A 169 -7.68 -18.82 -22.52
CA LYS A 169 -7.35 -19.60 -23.72
C LYS A 169 -8.49 -19.52 -24.73
N GLU A 170 -9.72 -19.71 -24.25
CA GLU A 170 -10.92 -19.64 -25.08
C GLU A 170 -11.11 -18.26 -25.71
N ASN A 171 -10.57 -17.22 -25.06
CA ASN A 171 -10.68 -15.88 -25.61
C ASN A 171 -9.40 -15.30 -26.18
N GLY A 172 -8.45 -16.18 -26.50
CA GLY A 172 -7.21 -15.78 -27.13
C GLY A 172 -6.39 -14.77 -26.36
N VAL A 173 -6.44 -14.88 -25.02
CA VAL A 173 -5.63 -14.07 -24.13
C VAL A 173 -4.50 -14.91 -23.53
N THR A 174 -3.27 -14.45 -23.76
CA THR A 174 -2.06 -15.26 -23.53
C THR A 174 -1.23 -14.80 -22.34
N ILE A 175 -1.69 -13.74 -21.67
CA ILE A 175 -0.96 -13.15 -20.56
C ILE A 175 -0.40 -14.19 -19.59
N TRP A 176 -1.20 -15.20 -19.28
CA TRP A 176 -0.83 -16.15 -18.23
C TRP A 176 -0.33 -17.52 -18.72
N ASP A 177 -0.20 -17.70 -20.03
CA ASP A 177 0.21 -18.99 -20.60
C ASP A 177 1.48 -19.59 -19.99
N GLU A 178 2.56 -18.81 -19.98
CA GLU A 178 3.86 -19.30 -19.51
C GLU A 178 3.81 -19.88 -18.09
N TRP A 179 2.81 -19.48 -17.30
CA TRP A 179 2.73 -19.90 -15.89
C TRP A 179 1.78 -21.07 -15.64
N ALA A 180 0.97 -21.41 -16.64
CA ALA A 180 -0.01 -22.47 -16.52
C ALA A 180 0.65 -23.83 -16.63
N ASP A 181 0.12 -24.80 -15.89
CA ASP A 181 0.58 -26.18 -16.00
C ASP A 181 -0.20 -26.91 -17.11
N GLU A 182 0.19 -28.16 -17.36
CA GLU A 182 -0.43 -29.00 -18.40
C GLU A 182 -1.96 -28.96 -18.39
N ASN A 183 -2.54 -28.86 -17.19
CA ASN A 183 -3.99 -28.78 -17.03
C ASN A 183 -4.58 -27.38 -17.15
N GLY A 184 -3.71 -26.38 -17.33
CA GLY A 184 -4.12 -24.99 -17.44
C GLY A 184 -4.33 -24.31 -16.09
N ASP A 185 -3.93 -25.00 -15.03
CA ASP A 185 -4.03 -24.44 -13.69
C ASP A 185 -2.82 -23.57 -13.41
N LEU A 186 -3.08 -22.47 -12.72
CA LEU A 186 -2.05 -21.60 -12.20
C LEU A 186 -2.05 -21.77 -10.68
N GLY A 187 -1.10 -21.13 -10.00
CA GLY A 187 -1.14 -21.14 -8.54
C GLY A 187 -2.30 -20.28 -8.00
N PRO A 188 -2.16 -19.81 -6.75
CA PRO A 188 -3.15 -18.97 -6.12
C PRO A 188 -3.08 -17.52 -6.63
N VAL A 189 -3.46 -17.32 -7.89
CA VAL A 189 -3.36 -16.02 -8.50
C VAL A 189 -4.54 -15.13 -8.06
N TYR A 190 -4.59 -13.91 -8.58
CA TYR A 190 -5.53 -12.88 -8.16
C TYR A 190 -6.97 -13.35 -7.95
N GLY A 191 -7.57 -13.97 -8.97
CA GLY A 191 -8.95 -14.43 -8.87
C GLY A 191 -9.18 -15.29 -7.64
N TYR A 192 -8.23 -16.19 -7.36
CA TYR A 192 -8.34 -17.05 -6.19
C TYR A 192 -8.24 -16.23 -4.87
N GLN A 193 -7.28 -15.33 -4.78
CA GLN A 193 -7.14 -14.56 -3.55
C GLN A 193 -8.29 -13.59 -3.35
N TRP A 194 -8.79 -13.03 -4.43
CA TRP A 194 -9.90 -12.07 -4.39
C TRP A 194 -11.22 -12.73 -3.95
N ARG A 195 -11.53 -13.90 -4.53
CA ARG A 195 -12.83 -14.55 -4.33
C ARG A 195 -12.81 -15.68 -3.29
N SER A 196 -11.62 -16.17 -2.96
CA SER A 196 -11.44 -17.40 -2.20
C SER A 196 -10.21 -17.34 -1.30
N TRP A 197 -9.98 -16.21 -0.65
CA TRP A 197 -8.83 -16.12 0.24
C TRP A 197 -8.92 -17.24 1.30
N PRO A 198 -7.89 -18.11 1.33
CA PRO A 198 -7.86 -19.26 2.24
C PRO A 198 -7.65 -18.85 3.68
N ALA A 199 -8.69 -18.96 4.50
CA ALA A 199 -8.58 -18.59 5.92
C ALA A 199 -7.88 -19.71 6.68
N PRO A 200 -7.11 -19.35 7.73
CA PRO A 200 -6.52 -20.31 8.66
C PRO A 200 -7.47 -21.46 9.00
N ASP A 201 -8.67 -21.16 9.47
CA ASP A 201 -9.66 -22.19 9.84
C ASP A 201 -10.19 -23.07 8.69
N GLY A 202 -9.82 -22.74 7.46
CA GLY A 202 -10.23 -23.55 6.31
C GLY A 202 -11.39 -22.99 5.50
N ARG A 203 -11.96 -21.88 5.96
CA ARG A 203 -12.96 -21.16 5.18
C ARG A 203 -12.26 -20.40 4.04
N HIS A 204 -13.06 -19.93 3.09
CA HIS A 204 -12.55 -19.06 2.06
C HIS A 204 -13.26 -17.72 2.16
N ILE A 205 -12.48 -16.64 2.03
CA ILE A 205 -13.02 -15.31 2.14
C ILE A 205 -13.21 -14.77 0.74
N ASP A 206 -14.46 -14.46 0.40
CA ASP A 206 -14.77 -13.74 -0.83
C ASP A 206 -14.63 -12.24 -0.58
N GLN A 207 -13.43 -11.73 -0.78
CA GLN A 207 -13.14 -10.33 -0.48
C GLN A 207 -13.93 -9.41 -1.39
N ILE A 208 -14.22 -9.86 -2.60
CA ILE A 208 -14.99 -9.03 -3.52
C ILE A 208 -16.44 -8.95 -3.07
N ALA A 209 -17.07 -10.09 -2.78
CA ALA A 209 -18.45 -10.08 -2.27
C ALA A 209 -18.58 -9.24 -0.99
N ASN A 210 -17.59 -9.33 -0.11
CA ASN A 210 -17.57 -8.61 1.16
C ASN A 210 -17.40 -7.12 0.89
N LEU A 211 -16.54 -6.77 -0.09
CA LEU A 211 -16.40 -5.40 -0.55
C LEU A 211 -17.74 -4.80 -0.99
N LEU A 212 -18.43 -5.48 -1.89
CA LEU A 212 -19.71 -5.00 -2.41
C LEU A 212 -20.73 -4.83 -1.27
N LYS A 213 -20.72 -5.77 -0.32
CA LYS A 213 -21.61 -5.69 0.84
C LYS A 213 -21.31 -4.42 1.63
N MET A 214 -20.05 -4.26 1.97
CA MET A 214 -19.57 -3.10 2.73
C MET A 214 -19.82 -1.75 2.06
N LEU A 215 -19.67 -1.69 0.75
CA LEU A 215 -19.99 -0.45 0.01
C LEU A 215 -21.45 -0.05 0.14
N HIS A 216 -22.35 -1.03 0.20
CA HIS A 216 -23.77 -0.74 0.38
C HIS A 216 -24.06 -0.40 1.84
N THR A 217 -23.47 -1.13 2.77
CA THR A 217 -23.83 -1.00 4.18
C THR A 217 -23.05 0.10 4.90
N ASN A 218 -21.76 0.22 4.60
CA ASN A 218 -20.96 1.30 5.17
C ASN A 218 -20.00 1.93 4.15
N PRO A 219 -20.55 2.76 3.24
CA PRO A 219 -19.79 3.49 2.23
C PRO A 219 -18.66 4.36 2.79
N GLN A 220 -18.75 4.73 4.06
CA GLN A 220 -17.74 5.59 4.68
C GLN A 220 -16.59 4.79 5.27
N SER A 221 -16.66 3.47 5.15
CA SER A 221 -15.65 2.57 5.71
C SER A 221 -14.21 2.90 5.32
N ARG A 222 -13.31 2.73 6.28
CA ARG A 222 -11.89 2.92 6.08
C ARG A 222 -11.16 1.60 5.86
N ARG A 223 -11.93 0.53 5.65
CA ARG A 223 -11.30 -0.76 5.39
C ARG A 223 -11.98 -1.45 4.23
N LEU A 224 -12.30 -0.68 3.21
CA LEU A 224 -12.82 -1.25 1.95
C LEU A 224 -11.64 -1.83 1.17
N ILE A 225 -11.08 -2.92 1.69
CA ILE A 225 -9.82 -3.42 1.18
C ILE A 225 -9.92 -4.82 0.55
N VAL A 226 -9.23 -4.99 -0.56
CA VAL A 226 -9.01 -6.31 -1.15
C VAL A 226 -7.50 -6.51 -1.17
N SER A 227 -7.05 -7.64 -0.63
CA SER A 227 -5.62 -7.93 -0.65
C SER A 227 -5.33 -9.18 -1.48
N ALA A 228 -4.24 -9.12 -2.23
CA ALA A 228 -3.74 -10.31 -2.89
C ALA A 228 -2.38 -10.69 -2.30
N TRP A 229 -1.98 -10.06 -1.21
CA TRP A 229 -0.68 -10.38 -0.64
C TRP A 229 -0.81 -11.32 0.55
N ASN A 230 -0.51 -12.61 0.32
CA ASN A 230 -0.61 -13.63 1.36
C ASN A 230 0.78 -14.18 1.66
N PRO A 231 1.35 -13.80 2.81
CA PRO A 231 2.66 -14.29 3.24
C PRO A 231 2.70 -15.82 3.32
N ALA A 232 1.57 -16.46 3.58
CA ALA A 232 1.48 -17.93 3.66
C ALA A 232 1.61 -18.60 2.30
N LEU A 233 1.44 -17.81 1.23
CA LEU A 233 1.46 -18.31 -0.13
C LEU A 233 2.63 -17.80 -0.99
N VAL A 234 3.05 -16.55 -0.77
CA VAL A 234 3.93 -15.88 -1.74
C VAL A 234 5.25 -16.58 -2.02
N ASP A 235 5.85 -17.20 -1.00
CA ASP A 235 7.16 -17.86 -1.15
C ASP A 235 7.15 -19.10 -2.04
N GLU A 236 5.97 -19.68 -2.24
CA GLU A 236 5.82 -20.86 -3.12
C GLU A 236 5.25 -20.51 -4.49
N MET A 237 4.87 -19.25 -4.69
CA MET A 237 4.32 -18.82 -5.97
C MET A 237 5.43 -18.53 -6.95
N ALA A 238 5.26 -18.96 -8.20
CA ALA A 238 6.20 -18.63 -9.29
C ALA A 238 6.11 -17.15 -9.68
N LEU A 239 4.93 -16.54 -9.44
CA LEU A 239 4.75 -15.11 -9.66
C LEU A 239 3.93 -14.54 -8.50
N PRO A 240 4.63 -14.10 -7.44
CA PRO A 240 3.95 -13.39 -6.36
C PRO A 240 3.24 -12.19 -6.95
N PRO A 241 2.02 -11.91 -6.48
CA PRO A 241 1.23 -10.79 -7.02
C PRO A 241 2.01 -9.46 -6.95
N CYS A 242 2.04 -8.72 -8.03
CA CYS A 242 2.60 -7.38 -8.02
C CYS A 242 1.59 -6.38 -7.44
N HIS A 243 0.31 -6.69 -7.60
CA HIS A 243 -0.76 -5.81 -7.12
C HIS A 243 -1.20 -6.24 -5.75
N CYS A 244 -0.57 -5.68 -4.75
CA CYS A 244 -0.62 -6.29 -3.42
C CYS A 244 -1.95 -6.13 -2.76
N LEU A 245 -2.52 -4.95 -2.90
CA LEU A 245 -3.63 -4.54 -2.08
C LEU A 245 -4.24 -3.31 -2.72
N PHE A 246 -5.56 -3.22 -2.66
CA PHE A 246 -6.24 -2.04 -3.09
C PHE A 246 -7.37 -1.68 -2.16
N GLN A 247 -7.67 -0.39 -2.12
CA GLN A 247 -8.58 0.15 -1.16
C GLN A 247 -9.54 1.06 -1.86
N PHE A 248 -10.80 0.98 -1.46
CA PHE A 248 -11.81 1.83 -2.02
C PHE A 248 -12.19 2.90 -1.05
N TYR A 249 -12.90 3.92 -1.55
CA TYR A 249 -13.23 5.09 -0.75
C TYR A 249 -14.42 5.76 -1.42
N VAL A 250 -15.33 6.22 -0.59
CA VAL A 250 -16.54 6.84 -1.07
C VAL A 250 -16.65 8.22 -0.43
N ALA A 251 -16.74 9.21 -1.30
CA ALA A 251 -17.05 10.57 -0.88
C ALA A 251 -17.87 11.22 -1.98
N ASN A 252 -18.87 12.01 -1.55
CA ASN A 252 -19.75 12.78 -2.44
C ASN A 252 -20.24 11.94 -3.60
N GLY A 253 -20.70 10.74 -3.31
CA GLY A 253 -21.30 9.86 -4.29
C GLY A 253 -20.33 9.30 -5.31
N ARG A 254 -19.02 9.41 -5.02
CA ARG A 254 -17.98 8.90 -5.91
C ARG A 254 -17.11 7.81 -5.28
N LEU A 255 -16.83 6.79 -6.09
CA LEU A 255 -15.99 5.69 -5.69
C LEU A 255 -14.59 5.86 -6.20
N SER A 256 -13.65 5.96 -5.26
CA SER A 256 -12.22 5.99 -5.56
C SER A 256 -11.56 4.67 -5.16
N CYS A 257 -10.39 4.39 -5.76
CA CYS A 257 -9.68 3.16 -5.55
C CYS A 257 -8.22 3.49 -5.51
N GLN A 258 -7.54 2.96 -4.50
CA GLN A 258 -6.09 3.12 -4.46
C GLN A 258 -5.46 1.75 -4.52
N LEU A 259 -4.53 1.58 -5.44
CA LEU A 259 -3.79 0.35 -5.56
C LEU A 259 -2.38 0.49 -5.01
N TYR A 260 -1.95 -0.45 -4.17
CA TYR A 260 -0.54 -0.52 -3.80
C TYR A 260 0.14 -1.55 -4.69
N GLN A 261 1.02 -1.10 -5.58
CA GLN A 261 1.73 -2.02 -6.47
C GLN A 261 3.23 -2.10 -6.13
N ARG A 262 3.66 -3.25 -5.65
CA ARG A 262 5.02 -3.37 -5.10
C ARG A 262 6.11 -3.25 -6.15
N SER A 263 5.79 -3.55 -7.40
CA SER A 263 6.77 -3.65 -8.45
C SER A 263 6.09 -3.24 -9.70
N ALA A 264 6.69 -2.28 -10.39
CA ALA A 264 5.99 -1.66 -11.49
C ALA A 264 6.97 -1.35 -12.60
N ASP A 265 6.77 -2.04 -13.72
CA ASP A 265 7.48 -1.74 -14.92
C ASP A 265 6.74 -0.54 -15.50
N ILE A 266 7.26 0.66 -15.27
CA ILE A 266 6.54 1.88 -15.67
C ILE A 266 6.26 1.98 -17.16
N PHE A 267 7.06 1.29 -17.98
CA PHE A 267 6.92 1.42 -19.43
C PHE A 267 6.00 0.37 -20.04
N LEU A 268 6.22 -0.90 -19.71
CA LEU A 268 5.43 -2.00 -20.30
C LEU A 268 4.24 -2.43 -19.46
N GLY A 269 4.29 -2.16 -18.16
CA GLY A 269 3.30 -2.70 -17.26
C GLY A 269 2.28 -1.69 -16.78
N VAL A 270 2.76 -0.57 -16.26
CA VAL A 270 1.90 0.44 -15.63
C VAL A 270 0.67 0.87 -16.47
N PRO A 271 0.84 1.17 -17.77
CA PRO A 271 -0.37 1.56 -18.49
C PRO A 271 -1.47 0.51 -18.39
N PHE A 272 -1.13 -0.77 -18.50
CA PHE A 272 -2.10 -1.85 -18.37
C PHE A 272 -2.67 -1.93 -16.96
N ASN A 273 -1.80 -1.83 -15.96
CA ASN A 273 -2.23 -1.86 -14.58
C ASN A 273 -3.24 -0.75 -14.32
N ILE A 274 -2.98 0.45 -14.84
CA ILE A 274 -3.88 1.58 -14.63
C ILE A 274 -5.25 1.30 -15.27
N ALA A 275 -5.23 0.80 -16.50
CA ALA A 275 -6.46 0.46 -17.23
C ALA A 275 -7.31 -0.54 -16.46
N SER A 276 -6.66 -1.58 -15.97
CA SER A 276 -7.33 -2.69 -15.29
C SER A 276 -8.08 -2.23 -14.02
N TYR A 277 -7.39 -1.47 -13.17
CA TYR A 277 -7.98 -0.98 -11.92
C TYR A 277 -8.93 0.19 -12.13
N ALA A 278 -8.66 1.05 -13.11
CA ALA A 278 -9.60 2.10 -13.49
C ALA A 278 -10.89 1.43 -13.92
N LEU A 279 -10.78 0.39 -14.73
CA LEU A 279 -11.98 -0.28 -15.24
C LEU A 279 -12.74 -0.92 -14.09
N LEU A 280 -12.00 -1.58 -13.21
CA LEU A 280 -12.62 -2.24 -12.05
C LEU A 280 -13.41 -1.24 -11.20
N THR A 281 -12.79 -0.10 -10.95
CA THR A 281 -13.42 0.95 -10.18
C THR A 281 -14.72 1.38 -10.82
N MET A 282 -14.70 1.57 -12.13
CA MET A 282 -15.91 1.97 -12.86
C MET A 282 -17.00 0.90 -12.79
N MET A 283 -16.60 -0.36 -12.93
CA MET A 283 -17.53 -1.49 -12.83
C MET A 283 -18.16 -1.52 -11.43
N ILE A 284 -17.31 -1.47 -10.40
CA ILE A 284 -17.83 -1.46 -9.05
C ILE A 284 -18.74 -0.24 -8.78
N ALA A 285 -18.33 0.94 -9.23
CA ALA A 285 -19.15 2.13 -9.00
C ALA A 285 -20.54 1.94 -9.63
N GLN A 286 -20.55 1.39 -10.85
CA GLN A 286 -21.80 1.23 -11.54
C GLN A 286 -22.75 0.36 -10.73
N VAL A 287 -22.24 -0.77 -10.25
CA VAL A 287 -23.13 -1.72 -9.61
C VAL A 287 -23.51 -1.31 -8.18
N THR A 288 -22.79 -0.34 -7.62
CA THR A 288 -23.06 0.11 -6.26
C THR A 288 -23.81 1.44 -6.22
N GLY A 289 -24.21 1.94 -7.38
CA GLY A 289 -24.97 3.18 -7.51
C GLY A 289 -24.15 4.45 -7.37
N LEU A 290 -22.83 4.34 -7.56
CA LEU A 290 -21.91 5.46 -7.37
C LEU A 290 -21.32 5.93 -8.71
N LYS A 291 -20.81 7.16 -8.72
CA LYS A 291 -20.08 7.68 -9.87
C LYS A 291 -18.59 7.34 -9.72
N PRO A 292 -17.86 7.27 -10.84
CA PRO A 292 -16.43 6.99 -10.71
C PRO A 292 -15.71 8.16 -10.10
N GLY A 293 -14.84 7.91 -9.12
CA GLY A 293 -14.04 8.98 -8.56
C GLY A 293 -12.65 8.94 -9.18
N GLU A 294 -11.64 8.76 -8.35
CA GLU A 294 -10.29 8.78 -8.82
C GLU A 294 -9.71 7.40 -8.63
N PHE A 295 -8.77 7.05 -9.50
CA PHE A 295 -7.92 5.91 -9.27
C PHE A 295 -6.58 6.42 -8.83
N ILE A 296 -6.10 5.94 -7.68
CA ILE A 296 -4.80 6.38 -7.17
C ILE A 296 -3.83 5.18 -7.29
N HIS A 297 -2.71 5.38 -7.95
CA HIS A 297 -1.82 4.27 -8.20
C HIS A 297 -0.55 4.53 -7.42
N THR A 298 -0.30 3.70 -6.41
CA THR A 298 0.90 3.84 -5.61
C THR A 298 1.85 2.76 -5.99
N LEU A 299 3.10 3.13 -6.25
CA LEU A 299 4.12 2.21 -6.69
C LEU A 299 5.19 2.06 -5.61
N GLY A 300 5.71 0.84 -5.46
CA GLY A 300 6.89 0.56 -4.66
C GLY A 300 8.09 0.78 -5.56
N ASP A 301 8.65 -0.32 -6.05
CA ASP A 301 9.81 -0.29 -6.96
C ASP A 301 9.30 0.03 -8.37
N ALA A 302 9.42 1.29 -8.74
CA ALA A 302 8.93 1.79 -10.01
C ALA A 302 10.13 1.87 -10.93
N HIS A 303 10.15 0.98 -11.92
CA HIS A 303 11.36 0.79 -12.72
C HIS A 303 11.10 0.84 -14.21
N ILE A 304 12.16 1.16 -14.95
CA ILE A 304 12.19 1.09 -16.40
C ILE A 304 13.47 0.37 -16.82
N TYR A 305 13.32 -0.63 -17.70
CA TYR A 305 14.48 -1.36 -18.21
C TYR A 305 15.22 -0.51 -19.24
N SER A 306 16.54 -0.65 -19.23
CA SER A 306 17.40 0.17 -20.07
C SER A 306 17.05 0.07 -21.56
N ASN A 307 16.52 -1.08 -21.98
CA ASN A 307 16.16 -1.25 -23.38
C ASN A 307 14.93 -0.43 -23.76
N HIS A 308 14.34 0.22 -22.76
CA HIS A 308 13.16 1.02 -22.98
C HIS A 308 13.41 2.51 -22.74
N PHE A 309 14.61 2.87 -22.26
CA PHE A 309 14.92 4.29 -21.97
C PHE A 309 14.50 5.23 -23.09
N GLU A 310 14.99 4.95 -24.30
CA GLU A 310 14.77 5.87 -25.42
C GLU A 310 13.33 5.91 -25.89
N GLN A 311 12.66 4.76 -25.94
CA GLN A 311 11.24 4.76 -26.30
C GLN A 311 10.43 5.56 -25.28
N ALA A 312 10.79 5.48 -24.01
CA ALA A 312 10.12 6.25 -22.97
C ALA A 312 10.37 7.75 -23.18
N ARG A 313 11.64 8.11 -23.40
CA ARG A 313 12.04 9.48 -23.75
C ARG A 313 11.20 10.02 -24.92
N LEU A 314 11.08 9.22 -25.98
CA LEU A 314 10.26 9.61 -27.13
C LEU A 314 8.78 9.83 -26.77
N GLN A 315 8.27 9.04 -25.84
CA GLN A 315 6.87 9.16 -25.43
C GLN A 315 6.61 10.49 -24.72
N LEU A 316 7.62 11.02 -24.06
CA LEU A 316 7.53 12.32 -23.40
C LEU A 316 7.22 13.46 -24.38
N THR A 317 7.51 13.25 -25.67
CA THR A 317 7.32 14.28 -26.70
C THR A 317 5.89 14.30 -27.24
N ARG A 318 5.27 13.14 -27.27
CA ARG A 318 3.94 12.97 -27.87
C ARG A 318 2.94 13.96 -27.26
N THR A 319 2.22 14.67 -28.12
CA THR A 319 1.25 15.66 -27.66
C THR A 319 0.03 14.92 -27.12
N PRO A 320 -0.33 15.16 -25.85
CA PRO A 320 -1.33 14.33 -25.19
C PRO A 320 -2.74 14.66 -25.70
N LYS A 321 -3.50 13.60 -26.02
CA LYS A 321 -4.81 13.78 -26.65
C LYS A 321 -5.91 13.57 -25.63
N LYS A 322 -7.09 14.13 -25.91
CA LYS A 322 -8.28 13.90 -25.09
C LYS A 322 -8.46 12.40 -24.81
N LEU A 323 -8.71 12.06 -23.55
CA LEU A 323 -8.88 10.66 -23.16
C LEU A 323 -10.13 10.07 -23.78
N PRO A 324 -10.07 8.79 -24.17
CA PRO A 324 -11.28 8.15 -24.65
C PRO A 324 -12.27 7.96 -23.49
N VAL A 325 -13.52 7.68 -23.81
CA VAL A 325 -14.52 7.38 -22.80
C VAL A 325 -14.74 5.87 -22.85
N MET A 326 -14.73 5.24 -21.68
CA MET A 326 -15.09 3.84 -21.58
C MET A 326 -16.59 3.73 -21.31
N HIS A 327 -17.33 3.22 -22.29
CA HIS A 327 -18.75 2.99 -22.16
C HIS A 327 -19.01 1.61 -21.61
N ILE A 328 -19.83 1.55 -20.58
CA ILE A 328 -20.14 0.29 -19.91
C ILE A 328 -21.63 0.05 -20.02
N ASN A 329 -22.00 -1.15 -20.46
CA ASN A 329 -23.41 -1.54 -20.52
C ASN A 329 -24.13 -1.14 -19.22
N PRO A 330 -25.03 -0.13 -19.30
CA PRO A 330 -25.66 0.38 -18.09
C PRO A 330 -26.67 -0.57 -17.50
N ASP A 331 -26.99 -1.65 -18.20
CA ASP A 331 -28.01 -2.58 -17.72
C ASP A 331 -27.44 -3.56 -16.69
N VAL A 332 -26.12 -3.64 -16.57
CA VAL A 332 -25.49 -4.59 -15.67
C VAL A 332 -25.51 -4.08 -14.24
N LYS A 333 -26.06 -4.90 -13.35
CA LYS A 333 -26.32 -4.48 -11.98
C LYS A 333 -25.59 -5.39 -11.01
N ASP A 334 -24.91 -6.40 -11.55
CA ASP A 334 -24.18 -7.38 -10.74
C ASP A 334 -22.74 -7.43 -11.26
N LEU A 335 -21.77 -7.17 -10.39
CA LEU A 335 -20.35 -7.12 -10.78
C LEU A 335 -19.93 -8.38 -11.53
N PHE A 336 -20.49 -9.51 -11.12
CA PHE A 336 -20.10 -10.80 -11.68
C PHE A 336 -20.84 -11.16 -12.97
N ALA A 337 -21.74 -10.27 -13.41
CA ALA A 337 -22.49 -10.49 -14.66
C ALA A 337 -21.89 -9.74 -15.86
N PHE A 338 -20.83 -8.97 -15.61
CA PHE A 338 -20.16 -8.29 -16.71
C PHE A 338 -19.54 -9.29 -17.69
N ARG A 339 -19.71 -8.99 -18.97
CA ARG A 339 -19.10 -9.80 -20.03
C ARG A 339 -18.32 -8.88 -20.96
N PHE A 340 -17.41 -9.47 -21.70
CA PHE A 340 -16.53 -8.71 -22.57
C PHE A 340 -17.28 -7.71 -23.45
N GLU A 341 -18.41 -8.14 -24.00
CA GLU A 341 -19.23 -7.32 -24.89
C GLU A 341 -19.87 -6.09 -24.21
N ASP A 342 -19.80 -6.02 -22.89
CA ASP A 342 -20.38 -4.90 -22.16
C ASP A 342 -19.49 -3.64 -22.13
N PHE A 343 -18.33 -3.71 -22.77
CA PHE A 343 -17.37 -2.61 -22.69
C PHE A 343 -17.06 -2.13 -24.09
N ARG A 344 -17.00 -0.81 -24.25
CA ARG A 344 -16.66 -0.21 -25.52
C ARG A 344 -15.90 1.06 -25.26
N LEU A 345 -14.65 1.09 -25.69
CA LEU A 345 -13.84 2.30 -25.61
C LEU A 345 -13.97 3.12 -26.89
N ASP A 346 -14.52 4.32 -26.76
CA ASP A 346 -14.74 5.22 -27.91
C ASP A 346 -13.98 6.55 -27.78
N GLY A 347 -13.91 7.30 -28.87
CA GLY A 347 -13.43 8.69 -28.84
C GLY A 347 -11.93 8.83 -29.01
N GLU B 92 12.29 29.35 1.43
CA GLU B 92 11.91 27.96 1.04
C GLU B 92 12.14 26.96 2.20
N GLN B 93 11.14 26.80 3.04
CA GLN B 93 11.20 25.88 4.17
C GLN B 93 11.01 24.45 3.68
N ILE B 94 12.06 23.64 3.77
CA ILE B 94 12.01 22.26 3.27
C ILE B 94 12.57 21.25 4.27
N GLY B 95 11.80 20.19 4.53
CA GLY B 95 12.15 19.21 5.56
C GLY B 95 10.97 18.36 5.98
N GLY B 96 11.19 17.56 7.02
CA GLY B 96 10.16 16.62 7.47
C GLY B 96 8.91 17.31 7.96
N MET B 97 9.11 18.30 8.84
CA MET B 97 8.01 19.06 9.43
C MET B 97 7.18 19.74 8.34
N ARG B 98 7.83 20.29 7.33
CA ARG B 98 7.13 20.94 6.23
C ARG B 98 6.29 19.93 5.42
N THR B 99 6.87 18.77 5.14
CA THR B 99 6.19 17.72 4.42
C THR B 99 4.93 17.30 5.18
N TYR B 100 5.05 17.15 6.49
CA TYR B 100 3.90 16.85 7.33
C TYR B 100 2.94 18.03 7.35
N LEU B 101 3.49 19.23 7.48
CA LEU B 101 2.66 20.43 7.49
C LEU B 101 1.92 20.60 6.17
N ASP B 102 2.56 20.19 5.07
CA ASP B 102 1.93 20.17 3.77
C ASP B 102 0.71 19.24 3.73
N LEU B 103 0.82 18.10 4.39
CA LEU B 103 -0.31 17.17 4.48
C LEU B 103 -1.42 17.82 5.29
N LEU B 104 -1.04 18.32 6.46
CA LEU B 104 -2.00 19.03 7.32
C LEU B 104 -2.77 20.03 6.49
N GLN B 105 -2.03 20.86 5.76
CA GLN B 105 -2.62 21.94 4.97
C GLN B 105 -3.47 21.46 3.81
N HIS B 106 -3.00 20.41 3.12
CA HIS B 106 -3.76 19.90 1.98
C HIS B 106 -5.14 19.38 2.38
N VAL B 107 -5.19 18.69 3.51
CA VAL B 107 -6.43 18.10 3.96
C VAL B 107 -7.42 19.19 4.45
N LEU B 108 -6.94 20.20 5.15
CA LEU B 108 -7.77 21.39 5.48
C LEU B 108 -8.39 22.10 4.25
N ASP B 109 -7.57 22.33 3.23
CA ASP B 109 -8.01 23.05 2.04
C ASP B 109 -8.84 22.21 1.07
N HIS B 110 -8.55 20.92 0.95
CA HIS B 110 -9.21 20.13 -0.07
C HIS B 110 -9.98 18.97 0.48
N GLY B 111 -9.88 18.77 1.79
CA GLY B 111 -10.53 17.63 2.42
C GLY B 111 -12.03 17.77 2.34
N VAL B 112 -12.69 16.63 2.21
CA VAL B 112 -14.13 16.58 2.27
C VAL B 112 -14.54 16.01 3.64
N ASP B 113 -15.41 16.75 4.31
CA ASP B 113 -15.96 16.40 5.60
C ASP B 113 -16.95 15.28 5.38
N ARG B 114 -17.21 14.51 6.44
CA ARG B 114 -18.08 13.35 6.41
C ARG B 114 -18.48 13.04 7.86
N GLY B 121 -16.53 16.15 9.67
CA GLY B 121 -15.87 15.89 10.95
C GLY B 121 -15.81 14.38 11.20
N THR B 122 -14.83 13.69 10.59
CA THR B 122 -13.69 14.15 9.77
C THR B 122 -13.75 15.12 8.57
N ARG B 123 -12.57 15.65 8.21
CA ARG B 123 -12.28 16.11 6.85
C ARG B 123 -11.23 15.18 6.22
N SER B 124 -11.42 14.75 4.98
CA SER B 124 -10.49 13.78 4.42
C SER B 124 -10.19 13.84 2.93
N VAL B 125 -9.05 13.26 2.56
CA VAL B 125 -8.69 12.99 1.19
C VAL B 125 -8.36 11.50 1.09
N PHE B 126 -8.38 10.95 -0.11
CA PHE B 126 -8.03 9.55 -0.30
C PHE B 126 -6.79 9.51 -1.17
N GLY B 127 -5.71 8.97 -0.60
CA GLY B 127 -4.48 8.85 -1.37
C GLY B 127 -3.57 10.04 -1.12
N TYR B 128 -2.47 9.79 -0.42
CA TYR B 128 -1.46 10.81 -0.18
C TYR B 128 -0.15 10.09 -0.03
N GLN B 129 0.95 10.79 -0.29
CA GLN B 129 2.26 10.21 -0.16
C GLN B 129 3.29 11.25 0.28
N MET B 130 4.05 10.91 1.32
CA MET B 130 5.08 11.77 1.85
C MET B 130 6.37 10.98 1.85
N ARG B 131 7.47 11.71 1.66
CA ARG B 131 8.81 11.18 1.72
C ARG B 131 9.58 11.90 2.83
N PHE B 132 10.29 11.11 3.63
CA PHE B 132 11.19 11.64 4.63
C PHE B 132 12.58 11.06 4.42
N ASP B 133 13.57 11.94 4.31
CA ASP B 133 14.96 11.55 4.27
C ASP B 133 15.42 11.33 5.70
N LEU B 134 15.57 10.07 6.07
CA LEU B 134 15.97 9.70 7.44
C LEU B 134 17.35 10.20 7.83
N GLU B 135 18.17 10.48 6.82
CA GLU B 135 19.51 11.01 6.99
C GLU B 135 19.48 12.45 7.49
N GLU B 136 18.36 13.14 7.25
CA GLU B 136 18.22 14.52 7.70
C GLU B 136 17.96 14.64 9.20
N GLY B 137 17.49 13.57 9.81
CA GLY B 137 17.20 13.60 11.22
C GLY B 137 16.00 12.73 11.46
N PHE B 138 15.64 12.58 12.73
CA PHE B 138 14.53 11.72 13.10
C PHE B 138 13.23 12.51 13.01
N PRO B 139 12.29 12.05 12.18
CA PRO B 139 11.08 12.83 11.88
C PRO B 139 10.09 12.95 13.05
N VAL B 140 10.46 13.77 14.04
CA VAL B 140 9.59 14.19 15.13
C VAL B 140 8.72 15.32 14.60
N LEU B 141 7.44 15.03 14.39
CA LEU B 141 6.56 16.01 13.74
C LEU B 141 5.46 16.52 14.69
N THR B 142 5.73 16.41 15.98
CA THR B 142 4.82 16.88 17.00
C THR B 142 5.25 18.27 17.45
N THR B 143 4.27 19.16 17.60
CA THR B 143 4.51 20.47 18.20
C THR B 143 4.88 20.25 19.67
N LYS B 144 4.41 19.12 20.21
CA LYS B 144 4.64 18.72 21.60
C LYS B 144 5.85 17.78 21.72
N HIS B 147 4.36 10.11 23.40
CA HIS B 147 5.72 10.08 23.91
C HIS B 147 6.60 9.05 23.20
N LEU B 148 7.90 9.35 23.14
CA LEU B 148 8.89 8.51 22.50
C LEU B 148 9.00 7.14 23.18
N ARG B 149 8.80 7.15 24.50
CA ARG B 149 8.76 5.93 25.30
C ARG B 149 7.72 4.95 24.73
N SER B 150 6.52 5.45 24.48
CA SER B 150 5.46 4.62 23.88
C SER B 150 5.90 4.09 22.52
N ILE B 151 6.50 4.95 21.70
CA ILE B 151 6.91 4.58 20.34
C ILE B 151 7.91 3.44 20.33
N ILE B 152 8.98 3.57 21.11
CA ILE B 152 10.05 2.57 21.10
C ILE B 152 9.55 1.25 21.69
N HIS B 153 8.96 1.30 22.88
CA HIS B 153 8.46 0.10 23.54
C HIS B 153 7.39 -0.61 22.70
N GLU B 154 6.51 0.17 22.09
CA GLU B 154 5.49 -0.42 21.22
C GLU B 154 6.16 -1.21 20.10
N LEU B 155 7.20 -0.61 19.52
CA LEU B 155 7.91 -1.20 18.39
C LEU B 155 8.67 -2.46 18.79
N LEU B 156 9.29 -2.44 19.97
CA LEU B 156 9.97 -3.62 20.51
C LEU B 156 8.92 -4.68 20.83
N TRP B 157 7.78 -4.24 21.31
CA TRP B 157 6.66 -5.12 21.60
C TRP B 157 6.17 -5.80 20.32
N PHE B 158 6.04 -5.03 19.23
CA PHE B 158 5.67 -5.58 17.92
C PHE B 158 6.64 -6.67 17.49
N LEU B 159 7.93 -6.35 17.56
CA LEU B 159 9.00 -7.22 17.11
C LEU B 159 9.16 -8.50 17.91
N LYS B 160 8.70 -8.51 19.16
CA LYS B 160 8.71 -9.73 19.97
C LYS B 160 7.57 -10.67 19.57
N GLY B 161 6.56 -10.15 18.87
CA GLY B 161 5.40 -10.96 18.45
C GLY B 161 4.33 -11.08 19.52
N ASP B 162 4.54 -10.38 20.62
CA ASP B 162 3.61 -10.30 21.74
C ASP B 162 2.33 -9.60 21.30
N THR B 163 1.18 -10.14 21.68
CA THR B 163 -0.09 -9.43 21.54
C THR B 163 -0.74 -9.20 22.90
N ASN B 164 0.02 -9.50 23.96
CA ASN B 164 -0.43 -9.27 25.32
C ASN B 164 0.15 -7.95 25.87
N ILE B 165 -0.77 -7.06 26.21
CA ILE B 165 -0.53 -5.74 26.79
C ILE B 165 0.46 -5.68 27.98
N ALA B 166 0.80 -6.82 28.58
CA ALA B 166 1.58 -6.82 29.85
C ALA B 166 2.95 -6.14 29.77
N TYR B 167 3.75 -6.48 28.76
CA TYR B 167 5.06 -5.82 28.55
C TYR B 167 4.91 -4.29 28.43
N LEU B 168 3.86 -3.84 27.76
CA LEU B 168 3.57 -2.41 27.63
C LEU B 168 3.21 -1.78 28.98
N LYS B 169 2.27 -2.39 29.70
CA LYS B 169 1.88 -1.94 31.05
C LYS B 169 3.08 -1.91 32.00
N GLU B 170 3.93 -2.92 31.89
CA GLU B 170 5.15 -3.05 32.68
C GLU B 170 6.10 -1.87 32.49
N ASN B 171 6.11 -1.32 31.27
CA ASN B 171 6.92 -0.14 30.94
C ASN B 171 6.08 1.14 30.82
N GLY B 172 4.92 1.15 31.48
CA GLY B 172 4.03 2.31 31.53
C GLY B 172 3.42 2.80 30.21
N VAL B 173 3.25 1.89 29.25
CA VAL B 173 2.66 2.24 27.97
C VAL B 173 1.19 1.81 27.92
N THR B 174 0.30 2.79 27.77
CA THR B 174 -1.14 2.57 27.92
C THR B 174 -1.93 2.61 26.60
N ILE B 175 -1.26 2.94 25.50
CA ILE B 175 -1.94 3.16 24.21
C ILE B 175 -2.80 1.98 23.73
N TRP B 176 -2.51 0.77 24.19
CA TRP B 176 -3.30 -0.41 23.78
C TRP B 176 -4.29 -0.91 24.84
N ASP B 177 -4.32 -0.23 26.00
CA ASP B 177 -5.16 -0.63 27.13
C ASP B 177 -6.64 -0.78 26.77
N GLU B 178 -7.19 0.22 26.08
CA GLU B 178 -8.63 0.28 25.80
C GLU B 178 -9.17 -0.86 24.93
N TRP B 179 -8.27 -1.61 24.27
CA TRP B 179 -8.68 -2.76 23.44
C TRP B 179 -8.36 -4.12 24.05
N ALA B 180 -7.64 -4.12 25.17
CA ALA B 180 -7.28 -5.36 25.85
C ALA B 180 -8.50 -6.03 26.47
N ASP B 181 -8.58 -7.36 26.33
CA ASP B 181 -9.62 -8.13 27.00
C ASP B 181 -9.23 -8.36 28.46
N GLU B 182 -10.06 -9.12 29.17
CA GLU B 182 -9.86 -9.42 30.61
C GLU B 182 -8.45 -9.90 30.97
N ASN B 183 -7.84 -10.67 30.06
CA ASN B 183 -6.50 -11.22 30.27
C ASN B 183 -5.37 -10.35 29.72
N GLY B 184 -5.73 -9.21 29.14
CA GLY B 184 -4.76 -8.30 28.56
C GLY B 184 -4.43 -8.62 27.11
N ASP B 185 -5.17 -9.55 26.52
CA ASP B 185 -4.95 -9.95 25.14
C ASP B 185 -5.64 -8.99 24.18
N LEU B 186 -5.03 -8.79 23.02
CA LEU B 186 -5.57 -7.88 22.00
C LEU B 186 -6.12 -8.60 20.78
N GLY B 187 -5.82 -9.89 20.68
CA GLY B 187 -6.10 -10.63 19.46
C GLY B 187 -4.94 -10.49 18.49
N PRO B 188 -5.17 -10.82 17.21
CA PRO B 188 -4.09 -10.92 16.23
C PRO B 188 -3.61 -9.57 15.67
N VAL B 189 -3.12 -8.70 16.56
CA VAL B 189 -2.58 -7.40 16.14
C VAL B 189 -1.14 -7.52 15.60
N TYR B 190 -0.49 -6.37 15.37
CA TYR B 190 0.77 -6.29 14.58
C TYR B 190 1.82 -7.34 14.90
N GLY B 191 2.16 -7.50 16.18
CA GLY B 191 3.20 -8.45 16.57
C GLY B 191 2.94 -9.86 16.05
N TYR B 192 1.70 -10.31 16.20
CA TYR B 192 1.28 -11.63 15.76
C TYR B 192 1.34 -11.76 14.25
N GLN B 193 0.88 -10.74 13.54
CA GLN B 193 0.90 -10.77 12.08
C GLN B 193 2.33 -10.75 11.57
N TRP B 194 3.19 -9.97 12.23
CA TRP B 194 4.56 -9.78 11.80
C TRP B 194 5.43 -11.01 12.02
N ARG B 195 5.30 -11.63 13.20
CA ARG B 195 6.15 -12.74 13.58
C ARG B 195 5.50 -14.11 13.35
N SER B 196 4.17 -14.17 13.35
CA SER B 196 3.44 -15.44 13.39
C SER B 196 2.24 -15.47 12.48
N TRP B 197 2.37 -14.87 11.30
CA TRP B 197 1.25 -14.87 10.35
C TRP B 197 0.72 -16.31 10.26
N PRO B 198 -0.56 -16.52 10.60
CA PRO B 198 -1.08 -17.90 10.62
C PRO B 198 -1.39 -18.40 9.21
N ALA B 199 -0.75 -19.49 8.81
CA ALA B 199 -1.07 -20.16 7.58
C ALA B 199 -2.16 -21.19 7.91
N PRO B 200 -2.95 -21.59 6.89
CA PRO B 200 -4.05 -22.57 7.06
C PRO B 200 -3.61 -23.93 7.65
N ASP B 201 -2.39 -24.36 7.33
CA ASP B 201 -1.89 -25.66 7.77
C ASP B 201 -1.33 -25.63 9.19
N GLY B 202 -1.47 -24.48 9.85
CA GLY B 202 -1.00 -24.32 11.23
C GLY B 202 0.39 -23.74 11.34
N ARG B 203 1.10 -23.65 10.22
CA ARG B 203 2.43 -23.03 10.23
C ARG B 203 2.29 -21.53 10.51
N HIS B 204 3.36 -20.94 11.01
CA HIS B 204 3.40 -19.52 11.22
C HIS B 204 4.51 -18.97 10.35
N ILE B 205 4.21 -17.85 9.70
CA ILE B 205 5.18 -17.18 8.85
C ILE B 205 5.78 -16.01 9.61
N ASP B 206 7.07 -16.13 9.90
CA ASP B 206 7.83 -15.05 10.50
C ASP B 206 8.27 -14.07 9.41
N GLN B 207 7.39 -13.12 9.09
CA GLN B 207 7.63 -12.17 8.01
C GLN B 207 8.87 -11.32 8.27
N ILE B 208 9.09 -10.97 9.53
CA ILE B 208 10.25 -10.16 9.89
C ILE B 208 11.56 -10.90 9.63
N ALA B 209 11.66 -12.14 10.13
CA ALA B 209 12.84 -12.97 9.87
C ALA B 209 13.02 -13.23 8.37
N ASN B 210 11.91 -13.44 7.66
CA ASN B 210 11.97 -13.63 6.21
C ASN B 210 12.49 -12.38 5.49
N LEU B 211 11.97 -11.22 5.86
CA LEU B 211 12.48 -9.94 5.38
C LEU B 211 14.01 -9.82 5.60
N LEU B 212 14.48 -10.11 6.81
CA LEU B 212 15.91 -9.97 7.11
C LEU B 212 16.78 -10.89 6.24
N LYS B 213 16.36 -12.15 6.11
CA LYS B 213 17.05 -13.10 5.24
C LYS B 213 17.05 -12.60 3.79
N MET B 214 15.91 -12.08 3.34
CA MET B 214 15.80 -11.62 1.97
C MET B 214 16.64 -10.34 1.73
N LEU B 215 16.72 -9.47 2.73
CA LEU B 215 17.60 -8.31 2.65
C LEU B 215 19.08 -8.69 2.54
N HIS B 216 19.49 -9.78 3.17
CA HIS B 216 20.87 -10.21 3.08
C HIS B 216 21.16 -10.87 1.73
N THR B 217 20.27 -11.74 1.27
CA THR B 217 20.52 -12.56 0.08
C THR B 217 20.07 -11.93 -1.22
N ASN B 218 19.03 -11.10 -1.18
CA ASN B 218 18.53 -10.46 -2.37
C ASN B 218 17.98 -9.05 -2.10
N PRO B 219 18.86 -8.11 -1.70
CA PRO B 219 18.47 -6.73 -1.38
C PRO B 219 17.73 -6.00 -2.51
N GLN B 220 17.98 -6.39 -3.75
CA GLN B 220 17.29 -5.77 -4.88
C GLN B 220 15.88 -6.36 -5.10
N SER B 221 15.50 -7.33 -4.27
CA SER B 221 14.18 -7.96 -4.34
C SER B 221 13.05 -6.92 -4.33
N ARG B 222 12.02 -7.20 -5.11
CA ARG B 222 10.86 -6.32 -5.22
C ARG B 222 9.70 -6.82 -4.38
N ARG B 223 10.00 -7.76 -3.49
CA ARG B 223 8.99 -8.24 -2.55
C ARG B 223 9.52 -8.32 -1.11
N LEU B 224 10.25 -7.28 -0.72
CA LEU B 224 10.69 -7.13 0.65
C LEU B 224 9.53 -6.55 1.43
N ILE B 225 8.56 -7.39 1.80
CA ILE B 225 7.25 -6.95 2.24
C ILE B 225 6.80 -7.65 3.50
N VAL B 226 6.22 -6.86 4.40
CA VAL B 226 5.55 -7.35 5.58
C VAL B 226 4.12 -6.82 5.49
N SER B 227 3.16 -7.73 5.70
CA SER B 227 1.76 -7.32 5.69
C SER B 227 1.15 -7.63 7.04
N ALA B 228 0.31 -6.71 7.53
CA ALA B 228 -0.49 -6.97 8.71
C ALA B 228 -1.95 -7.11 8.32
N TRP B 229 -2.23 -7.08 7.02
CA TRP B 229 -3.61 -7.16 6.57
C TRP B 229 -3.98 -8.58 6.18
N ASN B 230 -4.73 -9.23 7.06
CA ASN B 230 -5.17 -10.61 6.86
C ASN B 230 -6.70 -10.67 6.79
N PRO B 231 -7.25 -10.83 5.56
CA PRO B 231 -8.69 -10.87 5.33
C PRO B 231 -9.41 -11.91 6.20
N ALA B 232 -8.67 -12.91 6.66
CA ALA B 232 -9.26 -14.02 7.39
C ALA B 232 -9.49 -13.65 8.85
N LEU B 233 -8.89 -12.54 9.28
CA LEU B 233 -8.92 -12.17 10.69
C LEU B 233 -9.46 -10.78 10.99
N VAL B 234 -9.57 -9.92 9.96
CA VAL B 234 -9.92 -8.52 10.17
C VAL B 234 -11.37 -8.31 10.62
N ASP B 235 -12.28 -9.13 10.09
CA ASP B 235 -13.70 -9.13 10.47
C ASP B 235 -13.92 -9.37 11.97
N GLU B 236 -12.99 -10.09 12.60
CA GLU B 236 -13.14 -10.46 14.01
C GLU B 236 -12.31 -9.58 14.93
N MET B 237 -11.67 -8.57 14.37
CA MET B 237 -10.92 -7.61 15.19
C MET B 237 -11.76 -6.36 15.38
N ALA B 238 -11.82 -5.87 16.62
CA ALA B 238 -12.46 -4.59 16.91
C ALA B 238 -11.69 -3.45 16.23
N LEU B 239 -10.36 -3.63 16.12
CA LEU B 239 -9.48 -2.65 15.52
C LEU B 239 -8.57 -3.33 14.48
N PRO B 240 -9.05 -3.45 13.24
CA PRO B 240 -8.23 -3.95 12.13
C PRO B 240 -7.02 -3.04 11.90
N PRO B 241 -5.86 -3.62 11.59
CA PRO B 241 -4.60 -2.88 11.43
C PRO B 241 -4.73 -1.72 10.45
N CYS B 242 -4.30 -0.54 10.88
CA CYS B 242 -4.29 0.64 10.02
C CYS B 242 -3.07 0.60 9.12
N HIS B 243 -1.99 0.02 9.63
CA HIS B 243 -0.74 -0.08 8.87
C HIS B 243 -0.70 -1.41 8.12
N CYS B 244 -1.31 -1.42 6.93
CA CYS B 244 -1.63 -2.67 6.27
C CYS B 244 -0.40 -3.45 5.82
N LEU B 245 0.60 -2.72 5.34
CA LEU B 245 1.63 -3.35 4.55
C LEU B 245 2.76 -2.37 4.39
N PHE B 246 3.98 -2.86 4.48
CA PHE B 246 5.13 -2.04 4.20
C PHE B 246 6.16 -2.84 3.43
N GLN B 247 6.99 -2.13 2.66
CA GLN B 247 7.89 -2.73 1.69
C GLN B 247 9.21 -2.03 1.82
N PHE B 248 10.31 -2.73 1.58
CA PHE B 248 11.63 -2.11 1.65
C PHE B 248 12.29 -2.09 0.30
N TYR B 249 13.38 -1.32 0.21
CA TYR B 249 14.09 -1.15 -1.04
C TYR B 249 15.51 -0.73 -0.69
N VAL B 250 16.45 -1.17 -1.50
CA VAL B 250 17.87 -0.95 -1.21
C VAL B 250 18.52 -0.39 -2.46
N ALA B 251 19.05 0.82 -2.35
CA ALA B 251 19.81 1.41 -3.42
C ALA B 251 20.90 2.28 -2.81
N ASN B 252 22.08 2.25 -3.43
CA ASN B 252 23.24 3.03 -3.00
C ASN B 252 23.57 2.83 -1.50
N GLY B 253 23.43 1.60 -1.01
CA GLY B 253 23.74 1.30 0.40
C GLY B 253 22.73 1.88 1.40
N ARG B 254 21.58 2.33 0.87
CA ARG B 254 20.56 2.93 1.72
C ARG B 254 19.28 2.08 1.68
N LEU B 255 18.70 1.86 2.85
CA LEU B 255 17.45 1.12 2.98
C LEU B 255 16.28 2.09 3.07
N SER B 256 15.33 1.98 2.14
CA SER B 256 14.11 2.76 2.23
C SER B 256 12.92 1.89 2.61
N CYS B 257 11.86 2.51 3.12
CA CYS B 257 10.69 1.79 3.57
C CYS B 257 9.48 2.56 3.10
N GLN B 258 8.50 1.86 2.55
CA GLN B 258 7.23 2.50 2.23
C GLN B 258 6.11 1.83 3.00
N LEU B 259 5.33 2.63 3.73
CA LEU B 259 4.19 2.10 4.46
C LEU B 259 2.91 2.45 3.72
N TYR B 260 2.03 1.47 3.61
CA TYR B 260 0.67 1.72 3.14
C TYR B 260 -0.22 1.75 4.35
N GLN B 261 -0.82 2.91 4.63
CA GLN B 261 -1.67 3.06 5.80
C GLN B 261 -3.07 3.43 5.33
N ARG B 262 -4.02 2.51 5.55
CA ARG B 262 -5.37 2.62 5.02
C ARG B 262 -6.17 3.75 5.64
N SER B 263 -5.80 4.13 6.85
CA SER B 263 -6.56 5.06 7.66
C SER B 263 -5.58 5.82 8.53
N ALA B 264 -5.61 7.15 8.40
CA ALA B 264 -4.63 7.97 9.09
C ALA B 264 -5.27 9.27 9.60
N ASP B 265 -5.30 9.41 10.91
CA ASP B 265 -5.66 10.66 11.56
C ASP B 265 -4.41 11.51 11.48
N ILE B 266 -4.44 12.47 10.58
CA ILE B 266 -3.26 13.23 10.25
C ILE B 266 -2.77 14.09 11.43
N PHE B 267 -3.69 14.51 12.29
CA PHE B 267 -3.36 15.37 13.41
C PHE B 267 -2.86 14.58 14.64
N LEU B 268 -3.65 13.61 15.09
CA LEU B 268 -3.28 12.87 16.29
C LEU B 268 -2.48 11.59 16.09
N GLY B 269 -2.62 10.97 14.91
CA GLY B 269 -1.98 9.68 14.65
C GLY B 269 -0.70 9.74 13.83
N VAL B 270 -0.76 10.40 12.67
CA VAL B 270 0.33 10.35 11.67
C VAL B 270 1.76 10.66 12.21
N PRO B 271 1.92 11.68 13.07
CA PRO B 271 3.29 11.88 13.60
C PRO B 271 3.86 10.67 14.31
N PHE B 272 3.00 9.96 15.06
CA PHE B 272 3.42 8.76 15.79
C PHE B 272 3.73 7.63 14.82
N ASN B 273 2.81 7.42 13.89
CA ASN B 273 2.99 6.49 12.78
C ASN B 273 4.36 6.68 12.12
N ILE B 274 4.68 7.92 11.77
CA ILE B 274 5.92 8.24 11.06
C ILE B 274 7.13 7.92 11.94
N ALA B 275 7.08 8.32 13.20
CA ALA B 275 8.22 8.12 14.08
C ALA B 275 8.51 6.62 14.18
N SER B 276 7.45 5.84 14.33
CA SER B 276 7.57 4.40 14.54
C SER B 276 8.23 3.64 13.38
N TYR B 277 7.73 3.85 12.16
CA TYR B 277 8.28 3.20 10.96
C TYR B 277 9.63 3.77 10.51
N ALA B 278 9.86 5.05 10.78
CA ALA B 278 11.21 5.60 10.60
C ALA B 278 12.20 4.92 11.55
N LEU B 279 11.82 4.77 12.82
CA LEU B 279 12.65 4.05 13.78
C LEU B 279 12.89 2.61 13.31
N LEU B 280 11.80 1.92 12.96
CA LEU B 280 11.94 0.54 12.49
C LEU B 280 12.89 0.45 11.28
N THR B 281 12.71 1.35 10.33
CA THR B 281 13.59 1.39 9.18
C THR B 281 15.04 1.57 9.63
N MET B 282 15.28 2.46 10.58
CA MET B 282 16.64 2.69 11.06
C MET B 282 17.22 1.43 11.71
N MET B 283 16.38 0.71 12.47
CA MET B 283 16.83 -0.47 13.19
C MET B 283 17.19 -1.57 12.22
N ILE B 284 16.32 -1.75 11.23
CA ILE B 284 16.55 -2.72 10.17
C ILE B 284 17.75 -2.35 9.32
N ALA B 285 17.92 -1.06 8.99
CA ALA B 285 19.10 -0.66 8.22
C ALA B 285 20.36 -1.08 8.99
N GLN B 286 20.40 -0.75 10.27
CA GLN B 286 21.57 -1.07 11.07
C GLN B 286 21.91 -2.56 11.02
N VAL B 287 20.93 -3.42 11.27
CA VAL B 287 21.23 -4.85 11.41
C VAL B 287 21.56 -5.50 10.08
N THR B 288 21.27 -4.79 8.99
CA THR B 288 21.56 -5.29 7.66
C THR B 288 22.81 -4.62 7.05
N GLY B 289 23.47 -3.76 7.82
CA GLY B 289 24.70 -3.08 7.36
C GLY B 289 24.44 -2.01 6.31
N LEU B 290 23.26 -1.42 6.36
CA LEU B 290 22.86 -0.41 5.40
C LEU B 290 22.68 0.90 6.15
N LYS B 291 22.73 2.01 5.43
CA LYS B 291 22.42 3.32 6.00
C LYS B 291 20.93 3.64 5.81
N PRO B 292 20.37 4.49 6.68
CA PRO B 292 18.97 4.85 6.46
C PRO B 292 18.74 5.56 5.12
N GLY B 293 17.69 5.16 4.41
CA GLY B 293 17.31 5.83 3.19
C GLY B 293 16.12 6.72 3.49
N GLU B 294 15.03 6.48 2.76
CA GLU B 294 13.80 7.27 2.94
C GLU B 294 12.67 6.47 3.55
N PHE B 295 11.83 7.15 4.31
CA PHE B 295 10.58 6.57 4.70
C PHE B 295 9.53 7.22 3.84
N ILE B 296 8.75 6.40 3.16
CA ILE B 296 7.72 6.89 2.27
C ILE B 296 6.39 6.53 2.91
N HIS B 297 5.61 7.54 3.23
CA HIS B 297 4.36 7.28 3.93
C HIS B 297 3.21 7.45 2.96
N THR B 298 2.54 6.35 2.65
CA THR B 298 1.42 6.38 1.77
C THR B 298 0.13 6.18 2.57
N LEU B 299 -0.83 7.06 2.33
CA LEU B 299 -2.07 7.10 3.10
C LEU B 299 -3.26 6.77 2.22
N GLY B 300 -4.17 5.98 2.76
CA GLY B 300 -5.49 5.80 2.18
C GLY B 300 -6.36 6.97 2.65
N ASP B 301 -7.28 6.70 3.57
CA ASP B 301 -8.18 7.71 4.06
C ASP B 301 -7.37 8.59 5.03
N ALA B 302 -6.91 9.74 4.55
CA ALA B 302 -6.15 10.68 5.39
C ALA B 302 -7.11 11.75 5.89
N HIS B 303 -7.30 11.82 7.20
CA HIS B 303 -8.41 12.60 7.73
C HIS B 303 -8.06 13.42 8.95
N ILE B 304 -8.84 14.47 9.17
CA ILE B 304 -8.73 15.22 10.39
C ILE B 304 -10.14 15.47 10.92
N TYR B 305 -10.36 15.22 12.20
CA TYR B 305 -11.66 15.47 12.84
C TYR B 305 -11.93 16.96 13.02
N SER B 306 -13.22 17.33 12.98
CA SER B 306 -13.63 18.74 13.03
C SER B 306 -13.23 19.49 14.27
N ASN B 307 -13.05 18.78 15.39
CA ASN B 307 -12.59 19.42 16.64
C ASN B 307 -11.11 19.82 16.58
N HIS B 308 -10.41 19.42 15.51
CA HIS B 308 -9.01 19.80 15.35
C HIS B 308 -8.78 20.79 14.21
N PHE B 309 -9.84 21.19 13.51
CA PHE B 309 -9.69 22.06 12.32
C PHE B 309 -8.90 23.33 12.62
N GLU B 310 -9.12 23.89 13.81
CA GLU B 310 -8.54 25.18 14.15
C GLU B 310 -7.13 25.00 14.67
N GLN B 311 -6.94 24.00 15.54
CA GLN B 311 -5.61 23.67 16.04
C GLN B 311 -4.65 23.40 14.87
N ALA B 312 -5.04 22.54 13.94
CA ALA B 312 -4.19 22.16 12.81
C ALA B 312 -3.55 23.39 12.16
N ARG B 313 -4.21 24.53 12.28
CA ARG B 313 -3.66 25.81 11.79
C ARG B 313 -2.56 26.40 12.70
N LEU B 314 -2.66 26.16 14.01
CA LEU B 314 -1.59 26.59 14.94
C LEU B 314 -0.26 25.97 14.53
N GLN B 315 -0.33 24.80 13.92
CA GLN B 315 0.86 24.16 13.39
C GLN B 315 1.29 24.69 12.01
N LEU B 316 0.35 25.15 11.20
CA LEU B 316 0.69 25.60 9.84
C LEU B 316 1.56 26.86 9.75
N THR B 317 1.58 27.65 10.82
CA THR B 317 2.41 28.86 10.91
C THR B 317 3.72 28.63 11.66
N ARG B 318 3.73 27.60 12.50
CA ARG B 318 4.84 27.32 13.42
C ARG B 318 6.18 27.22 12.70
N THR B 319 7.24 27.78 13.29
CA THR B 319 8.56 27.69 12.69
C THR B 319 9.14 26.29 12.95
N PRO B 320 9.56 25.60 11.87
CA PRO B 320 10.07 24.24 12.00
C PRO B 320 11.43 24.23 12.68
N LYS B 321 11.54 23.39 13.70
CA LYS B 321 12.75 23.22 14.44
C LYS B 321 13.65 22.22 13.71
N LYS B 322 14.95 22.29 13.98
CA LYS B 322 15.90 21.30 13.49
C LYS B 322 15.51 19.92 14.01
N LEU B 323 15.54 18.91 13.13
CA LEU B 323 15.25 17.55 13.56
C LEU B 323 16.33 17.04 14.49
N PRO B 324 15.93 16.42 15.61
CA PRO B 324 16.92 15.77 16.46
C PRO B 324 17.44 14.50 15.76
N VAL B 325 18.58 14.00 16.20
CA VAL B 325 19.18 12.79 15.67
C VAL B 325 18.81 11.63 16.59
N MET B 326 18.31 10.55 16.00
CA MET B 326 18.10 9.33 16.74
C MET B 326 19.39 8.51 16.74
N HIS B 327 19.98 8.35 17.92
CA HIS B 327 21.19 7.57 18.05
C HIS B 327 20.79 6.17 18.41
N ILE B 328 21.29 5.22 17.64
CA ILE B 328 21.03 3.83 17.95
C ILE B 328 22.37 3.15 18.28
N ASN B 329 22.36 2.36 19.36
CA ASN B 329 23.48 1.51 19.74
C ASN B 329 23.96 0.72 18.51
N PRO B 330 25.16 1.07 17.98
CA PRO B 330 25.60 0.45 16.72
C PRO B 330 26.03 -1.03 16.84
N ASP B 331 26.15 -1.53 18.07
CA ASP B 331 26.57 -2.92 18.25
C ASP B 331 25.47 -3.95 17.98
N VAL B 332 24.20 -3.54 18.10
CA VAL B 332 23.10 -4.50 17.93
C VAL B 332 23.01 -4.94 16.46
N LYS B 333 23.08 -6.26 16.24
CA LYS B 333 23.03 -6.85 14.90
C LYS B 333 21.83 -7.80 14.78
N ASP B 334 21.09 -7.92 15.86
CA ASP B 334 19.92 -8.79 15.91
C ASP B 334 18.71 -7.89 16.16
N LEU B 335 17.86 -7.77 15.15
CA LEU B 335 16.70 -6.89 15.21
C LEU B 335 15.81 -7.20 16.40
N PHE B 336 15.77 -8.48 16.79
CA PHE B 336 14.92 -8.93 17.88
C PHE B 336 15.57 -8.73 19.25
N ALA B 337 16.79 -8.21 19.27
CA ALA B 337 17.54 -8.08 20.51
C ALA B 337 17.63 -6.64 20.99
N PHE B 338 16.96 -5.72 20.30
CA PHE B 338 17.01 -4.32 20.73
C PHE B 338 16.34 -4.11 22.08
N ARG B 339 16.89 -3.18 22.86
CA ARG B 339 16.31 -2.81 24.13
C ARG B 339 16.04 -1.30 24.10
N PHE B 340 15.19 -0.85 25.01
CA PHE B 340 14.85 0.57 25.12
C PHE B 340 16.09 1.44 25.23
N GLU B 341 17.05 1.00 26.05
CA GLU B 341 18.26 1.76 26.32
C GLU B 341 19.17 1.91 25.11
N ASP B 342 18.88 1.16 24.04
CA ASP B 342 19.67 1.23 22.81
C ASP B 342 19.46 2.51 22.03
N PHE B 343 18.46 3.27 22.43
CA PHE B 343 18.03 4.45 21.66
C PHE B 343 18.22 5.71 22.49
N ARG B 344 18.68 6.77 21.83
CA ARG B 344 18.80 8.08 22.44
C ARG B 344 18.47 9.14 21.41
N LEU B 345 17.43 9.93 21.69
CA LEU B 345 17.05 11.06 20.84
C LEU B 345 17.50 12.38 21.46
N ASP B 346 18.17 13.23 20.67
CA ASP B 346 18.56 14.58 21.12
C ASP B 346 17.38 15.34 21.75
N GLY B 347 17.59 15.83 22.97
CA GLY B 347 16.53 16.49 23.74
C GLY B 347 15.43 15.56 24.21
#